data_5L1R
#
_entry.id   5L1R
#
_cell.length_a   44.456
_cell.length_b   164.588
_cell.length_c   82.300
_cell.angle_alpha   90.000
_cell.angle_beta   90.000
_cell.angle_gamma   90.000
#
_symmetry.space_group_name_H-M   'P 21 21 2'
#
loop_
_entity.id
_entity.type
_entity.pdbx_description
1 polymer 'Pentalenolactone synthase'
2 non-polymer 'PROTOPORPHYRIN IX CONTAINING FE'
3 non-polymer BICINE
4 water water
#
_entity_poly.entity_id   1
_entity_poly.type   'polypeptide(L)'
_entity_poly.pdbx_seq_one_letter_code
;GSHMTDLPRLPFDNPDIMGIAPQMLALQKEGPIARVGTAGEDAWLVTRYDEVRTLLADRRLRLSNPNPQPSAKSAARAFM
VALMAGDDHETEPARHAQMRSLLIPRFSTRRLRLMKTRIEHHVDELLDQLAASAPPVDLHRVLSFRLPTMVVCDLLGVPL
ADRERFGQWARGTFDQSDNEHSANTFQQVVDYMLELVARKRVEPGDDILSELIAEKDGALSDADIAHLGNAVLLFGYETT
IVRIDLGTLLLLRNPVQRAQLAEDPGLAPAAVEEILRLGVGGKGSNALIPRYAHGDITVGETVIRTGDAVMLAIGAANYD
DRAFPDGGLFDLTRVRPRSHLAFGHGARHCIGRTLARIELTAVFERLFRRLPDLRLAVPEESLRWQEHRITGGFDEIPVT
F
;
_entity_poly.pdbx_strand_id   A
#
# COMPACT_ATOMS: atom_id res chain seq x y z
N THR A 5 -31.89 -15.77 -1.55
CA THR A 5 -30.63 -15.82 -0.80
C THR A 5 -29.49 -16.38 -1.68
N ASP A 6 -28.45 -15.57 -1.84
CA ASP A 6 -27.30 -15.95 -2.64
C ASP A 6 -26.08 -15.34 -1.94
N LEU A 7 -25.37 -16.16 -1.19
CA LEU A 7 -24.17 -15.73 -0.46
C LEU A 7 -23.21 -15.01 -1.40
N PRO A 8 -22.88 -13.75 -1.15
CA PRO A 8 -21.91 -13.06 -2.01
C PRO A 8 -20.53 -13.68 -1.85
N ARG A 9 -19.79 -13.71 -2.96
CA ARG A 9 -18.50 -14.40 -3.03
C ARG A 9 -17.40 -13.44 -3.46
N LEU A 10 -16.44 -13.19 -2.58
CA LEU A 10 -15.25 -12.40 -2.91
C LEU A 10 -14.28 -13.26 -3.73
N PRO A 11 -13.58 -12.66 -4.72
CA PRO A 11 -13.62 -11.23 -5.03
C PRO A 11 -14.77 -10.89 -5.96
N PHE A 12 -15.32 -9.69 -5.82
CA PHE A 12 -16.41 -9.24 -6.67
C PHE A 12 -15.87 -8.68 -7.98
N ASP A 13 -16.61 -8.91 -9.06
CA ASP A 13 -16.28 -8.35 -10.36
C ASP A 13 -16.34 -6.82 -10.34
N ASN A 14 -15.44 -6.20 -11.09
CA ASN A 14 -15.49 -4.76 -11.33
C ASN A 14 -15.41 -4.55 -12.84
N PRO A 15 -16.47 -4.02 -13.48
CA PRO A 15 -16.41 -3.80 -14.93
C PRO A 15 -15.48 -2.66 -15.33
N ASP A 16 -15.04 -1.84 -14.39
CA ASP A 16 -14.09 -0.76 -14.63
C ASP A 16 -12.71 -1.18 -14.17
N ILE A 17 -11.69 -0.45 -14.61
CA ILE A 17 -10.33 -0.71 -14.15
C ILE A 17 -10.05 -0.09 -12.79
N MET A 18 -10.90 0.82 -12.31
CA MET A 18 -10.68 1.44 -11.00
C MET A 18 -12.03 1.50 -10.30
N GLY A 19 -12.05 1.97 -9.04
CA GLY A 19 -13.29 2.10 -8.31
C GLY A 19 -13.62 0.87 -7.48
N ILE A 20 -14.86 0.83 -6.99
CA ILE A 20 -15.34 -0.25 -6.14
C ILE A 20 -16.27 -1.14 -6.94
N ALA A 21 -16.18 -2.45 -6.71
CA ALA A 21 -17.06 -3.40 -7.35
C ALA A 21 -18.51 -3.07 -7.04
N PRO A 22 -19.40 -3.06 -8.05
CA PRO A 22 -20.83 -2.77 -7.79
C PRO A 22 -21.48 -3.57 -6.67
N GLN A 23 -21.18 -4.87 -6.55
N GLN A 23 -21.16 -4.88 -6.56
CA GLN A 23 -21.81 -5.66 -5.49
CA GLN A 23 -21.74 -5.72 -5.53
C GLN A 23 -21.35 -5.24 -4.10
C GLN A 23 -21.34 -5.26 -4.13
N MET A 24 -20.11 -4.73 -3.98
CA MET A 24 -19.69 -4.28 -2.67
C MET A 24 -20.37 -2.97 -2.28
N LEU A 25 -20.54 -2.07 -3.26
CA LEU A 25 -21.36 -0.87 -3.01
C LEU A 25 -22.79 -1.24 -2.69
N ALA A 26 -23.30 -2.31 -3.32
CA ALA A 26 -24.65 -2.76 -3.03
C ALA A 26 -24.77 -3.25 -1.59
N LEU A 27 -23.79 -4.03 -1.13
CA LEU A 27 -23.80 -4.46 0.26
C LEU A 27 -23.68 -3.27 1.20
N GLN A 28 -22.83 -2.29 0.83
CA GLN A 28 -22.68 -1.09 1.64
C GLN A 28 -23.98 -0.34 1.81
N LYS A 29 -24.79 -0.29 0.75
CA LYS A 29 -26.10 0.34 0.85
C LYS A 29 -27.01 -0.42 1.80
N GLU A 30 -26.91 -1.74 1.85
CA GLU A 30 -27.80 -2.52 2.70
C GLU A 30 -27.44 -2.36 4.17
N GLY A 31 -26.15 -2.30 4.49
CA GLY A 31 -25.74 -2.20 5.87
C GLY A 31 -24.23 -2.28 6.02
N PRO A 32 -23.76 -2.12 7.26
CA PRO A 32 -22.30 -2.05 7.47
C PRO A 32 -21.58 -3.39 7.36
N ILE A 33 -22.23 -4.52 7.63
CA ILE A 33 -21.51 -5.79 7.76
C ILE A 33 -22.34 -6.91 7.12
N ALA A 34 -21.67 -7.76 6.36
CA ALA A 34 -22.32 -8.89 5.70
C ALA A 34 -21.41 -10.10 5.76
N ARG A 35 -22.01 -11.28 5.91
CA ARG A 35 -21.28 -12.53 5.79
C ARG A 35 -21.08 -12.85 4.32
N VAL A 36 -19.83 -13.15 3.93
CA VAL A 36 -19.51 -13.40 2.53
C VAL A 36 -18.70 -14.69 2.44
N GLY A 37 -18.73 -15.29 1.26
CA GLY A 37 -17.77 -16.33 0.95
C GLY A 37 -16.51 -15.74 0.36
N THR A 38 -15.41 -16.49 0.43
CA THR A 38 -14.18 -16.08 -0.24
C THR A 38 -13.58 -17.26 -0.98
N ALA A 39 -12.38 -17.08 -1.54
CA ALA A 39 -11.66 -18.21 -2.12
C ALA A 39 -11.31 -19.23 -1.04
N GLY A 40 -11.15 -18.79 0.21
CA GLY A 40 -10.90 -19.68 1.33
C GLY A 40 -12.06 -19.73 2.31
N GLU A 41 -11.85 -19.23 3.53
CA GLU A 41 -12.89 -19.32 4.55
C GLU A 41 -13.90 -18.17 4.40
N ASP A 42 -15.12 -18.42 4.87
CA ASP A 42 -16.11 -17.36 4.94
C ASP A 42 -15.63 -16.26 5.87
N ALA A 43 -16.16 -15.05 5.67
CA ALA A 43 -15.69 -13.91 6.45
C ALA A 43 -16.80 -12.89 6.58
N TRP A 44 -16.67 -12.04 7.60
CA TRP A 44 -17.50 -10.85 7.72
C TRP A 44 -16.88 -9.73 6.89
N LEU A 45 -17.67 -9.13 6.00
CA LEU A 45 -17.20 -8.02 5.17
C LEU A 45 -17.82 -6.73 5.70
N VAL A 46 -16.99 -5.77 6.07
CA VAL A 46 -17.42 -4.51 6.67
C VAL A 46 -17.06 -3.40 5.69
N THR A 47 -18.07 -2.64 5.25
CA THR A 47 -17.92 -1.75 4.10
C THR A 47 -18.19 -0.28 4.38
N ARG A 48 -18.76 0.08 5.52
CA ARG A 48 -19.06 1.48 5.81
C ARG A 48 -17.93 2.11 6.60
N TYR A 49 -17.71 3.41 6.34
CA TYR A 49 -16.56 4.11 6.89
C TYR A 49 -16.52 4.05 8.42
N ASP A 50 -17.64 4.38 9.07
CA ASP A 50 -17.64 4.48 10.53
C ASP A 50 -17.27 3.15 11.17
N GLU A 51 -17.86 2.06 10.69
CA GLU A 51 -17.60 0.76 11.30
C GLU A 51 -16.21 0.24 10.94
N VAL A 52 -15.73 0.50 9.72
CA VAL A 52 -14.38 0.05 9.38
C VAL A 52 -13.35 0.77 10.24
N ARG A 53 -13.52 2.08 10.44
CA ARG A 53 -12.60 2.84 11.27
C ARG A 53 -12.64 2.38 12.72
N THR A 54 -13.85 2.14 13.23
CA THR A 54 -14.00 1.67 14.61
C THR A 54 -13.31 0.32 14.81
N LEU A 55 -13.51 -0.61 13.87
CA LEU A 55 -12.94 -1.95 14.02
C LEU A 55 -11.43 -1.95 13.83
N LEU A 56 -10.90 -1.08 12.97
CA LEU A 56 -9.45 -0.96 12.83
C LEU A 56 -8.79 -0.52 14.13
N ALA A 57 -9.50 0.21 14.98
CA ALA A 57 -9.00 0.66 16.27
C ALA A 57 -9.35 -0.29 17.41
N ASP A 58 -10.03 -1.40 17.12
CA ASP A 58 -10.46 -2.34 18.15
C ASP A 58 -9.38 -3.39 18.37
N ARG A 59 -8.80 -3.41 19.57
CA ARG A 59 -7.71 -4.33 19.89
C ARG A 59 -8.13 -5.79 19.92
N ARG A 60 -9.44 -6.09 19.90
CA ARG A 60 -9.87 -7.48 19.82
C ARG A 60 -9.76 -8.05 18.42
N LEU A 61 -9.55 -7.20 17.43
CA LEU A 61 -9.43 -7.57 16.03
C LEU A 61 -7.97 -7.44 15.64
N ARG A 62 -7.31 -8.55 15.33
CA ARG A 62 -5.87 -8.57 15.10
C ARG A 62 -5.54 -9.31 13.80
N LEU A 63 -4.32 -9.07 13.32
CA LEU A 63 -3.85 -9.74 12.11
C LEU A 63 -3.73 -11.25 12.31
N SER A 64 -3.25 -11.66 13.49
CA SER A 64 -2.91 -13.06 13.72
C SER A 64 -4.16 -13.94 13.83
N ASN A 65 -3.99 -15.21 13.44
CA ASN A 65 -5.06 -16.19 13.49
C ASN A 65 -5.02 -16.92 14.83
N PRO A 66 -6.05 -16.78 15.68
CA PRO A 66 -6.05 -17.49 16.96
C PRO A 66 -6.55 -18.93 16.87
N ASN A 67 -6.94 -19.39 15.67
CA ASN A 67 -7.66 -20.65 15.59
C ASN A 67 -6.72 -21.84 15.76
N PRO A 68 -7.21 -22.91 16.40
CA PRO A 68 -6.36 -24.11 16.56
C PRO A 68 -5.95 -24.73 15.25
N GLN A 69 -6.90 -24.89 14.32
CA GLN A 69 -6.66 -25.48 13.01
C GLN A 69 -6.76 -24.39 11.96
N PRO A 70 -5.71 -23.62 11.70
CA PRO A 70 -5.83 -22.50 10.77
C PRO A 70 -6.00 -22.97 9.34
N SER A 71 -6.87 -22.28 8.61
CA SER A 71 -7.01 -22.52 7.18
C SER A 71 -5.71 -22.18 6.47
N ALA A 72 -5.40 -22.98 5.44
CA ALA A 72 -4.16 -22.79 4.71
C ALA A 72 -4.19 -21.48 3.91
N LYS A 73 -3.05 -20.81 3.85
CA LYS A 73 -2.89 -19.57 3.10
C LYS A 73 -1.82 -19.77 2.03
N SER A 74 -1.84 -18.92 1.01
CA SER A 74 -0.76 -18.90 0.04
C SER A 74 0.55 -18.61 0.75
N ALA A 75 1.66 -19.08 0.16
CA ALA A 75 2.97 -18.71 0.68
C ALA A 75 3.11 -17.19 0.74
N ALA A 76 2.56 -16.49 -0.26
CA ALA A 76 2.66 -15.03 -0.32
C ALA A 76 2.00 -14.37 0.89
N ARG A 77 0.77 -14.78 1.21
CA ARG A 77 0.08 -14.20 2.36
C ARG A 77 0.79 -14.54 3.66
N ALA A 78 1.32 -15.77 3.78
CA ALA A 78 2.06 -16.16 4.96
C ALA A 78 3.30 -15.29 5.16
N PHE A 79 4.01 -14.98 4.07
CA PHE A 79 5.20 -14.12 4.18
C PHE A 79 4.81 -12.73 4.65
N MET A 80 3.75 -12.17 4.07
CA MET A 80 3.30 -10.85 4.46
C MET A 80 2.94 -10.81 5.94
N VAL A 81 2.18 -11.82 6.39
CA VAL A 81 1.76 -11.84 7.79
C VAL A 81 2.96 -11.98 8.71
N ALA A 82 3.96 -12.77 8.31
CA ALA A 82 5.16 -12.96 9.14
C ALA A 82 6.02 -11.70 9.17
N LEU A 83 6.14 -10.99 8.03
CA LEU A 83 6.86 -9.72 8.05
C LEU A 83 6.22 -8.71 8.97
N MET A 84 4.92 -8.85 9.23
CA MET A 84 4.15 -7.99 10.11
C MET A 84 4.08 -8.53 11.53
N ALA A 85 4.85 -9.57 11.85
CA ALA A 85 4.89 -10.18 13.18
C ALA A 85 3.52 -10.72 13.59
N GLY A 86 2.71 -11.14 12.63
CA GLY A 86 1.41 -11.71 12.89
C GLY A 86 1.31 -13.21 12.75
N ASP A 87 2.44 -13.91 12.58
CA ASP A 87 2.40 -15.33 12.28
C ASP A 87 2.10 -16.20 13.50
N ASP A 88 2.23 -15.66 14.72
CA ASP A 88 1.95 -16.45 15.93
C ASP A 88 1.13 -15.59 16.88
N HIS A 89 -0.14 -15.96 17.06
CA HIS A 89 -1.04 -15.15 17.87
C HIS A 89 -0.55 -15.01 19.31
N GLU A 90 0.22 -15.99 19.80
CA GLU A 90 0.66 -15.92 21.20
C GLU A 90 1.79 -14.93 21.41
N THR A 91 2.59 -14.66 20.37
CA THR A 91 3.70 -13.73 20.48
C THR A 91 3.48 -12.43 19.73
N GLU A 92 2.39 -12.30 18.98
CA GLU A 92 2.11 -11.07 18.23
C GLU A 92 2.11 -9.83 19.11
N PRO A 93 1.46 -9.79 20.28
CA PRO A 93 1.48 -8.53 21.07
C PRO A 93 2.87 -7.99 21.33
N ALA A 94 3.78 -8.82 21.84
CA ALA A 94 5.13 -8.35 22.13
C ALA A 94 5.94 -8.11 20.86
N ARG A 95 5.86 -9.02 19.89
CA ARG A 95 6.65 -8.89 18.68
C ARG A 95 6.18 -7.72 17.84
N HIS A 96 4.86 -7.52 17.74
CA HIS A 96 4.36 -6.41 16.97
C HIS A 96 4.71 -5.08 17.62
N ALA A 97 4.54 -4.99 18.94
CA ALA A 97 4.91 -3.76 19.65
C ALA A 97 6.38 -3.42 19.43
N GLN A 98 7.26 -4.43 19.49
CA GLN A 98 8.69 -4.19 19.25
C GLN A 98 8.94 -3.71 17.83
N MET A 99 8.25 -4.31 16.85
CA MET A 99 8.40 -3.93 15.46
C MET A 99 8.10 -2.45 15.25
N ARG A 100 6.96 -2.00 15.76
CA ARG A 100 6.60 -0.59 15.58
C ARG A 100 7.54 0.31 16.35
N SER A 101 7.94 -0.11 17.56
CA SER A 101 8.86 0.71 18.35
CA SER A 101 8.86 0.69 18.36
C SER A 101 10.19 0.90 17.63
N LEU A 102 10.67 -0.13 16.94
CA LEU A 102 11.95 -0.05 16.24
C LEU A 102 11.86 0.62 14.87
N LEU A 103 10.69 0.60 14.23
CA LEU A 103 10.60 1.19 12.90
C LEU A 103 10.17 2.65 12.90
N ILE A 104 9.28 3.04 13.82
CA ILE A 104 8.75 4.42 13.80
C ILE A 104 9.85 5.46 13.88
N PRO A 105 10.86 5.35 14.77
CA PRO A 105 11.91 6.37 14.79
C PRO A 105 12.89 6.30 13.62
N ARG A 106 12.73 5.36 12.69
CA ARG A 106 13.53 5.39 11.47
C ARG A 106 12.98 6.37 10.44
N PHE A 107 11.84 7.00 10.75
CA PHE A 107 11.26 7.97 9.85
C PHE A 107 11.14 9.31 10.59
N SER A 108 12.26 9.78 11.11
CA SER A 108 12.33 11.03 11.87
C SER A 108 12.04 12.22 10.96
N THR A 109 11.66 13.33 11.59
CA THR A 109 11.48 14.58 10.86
C THR A 109 12.78 14.97 10.15
N ARG A 110 13.93 14.77 10.80
CA ARG A 110 15.21 15.06 10.17
C ARG A 110 15.38 14.27 8.89
N ARG A 111 15.15 12.95 8.95
CA ARG A 111 15.31 12.13 7.75
C ARG A 111 14.31 12.54 6.68
N LEU A 112 13.06 12.77 7.06
CA LEU A 112 12.03 13.06 6.07
C LEU A 112 12.26 14.41 5.39
N ARG A 113 12.81 15.38 6.13
CA ARG A 113 13.18 16.66 5.53
C ARG A 113 14.29 16.48 4.49
N LEU A 114 15.33 15.72 4.83
CA LEU A 114 16.40 15.46 3.87
C LEU A 114 15.87 14.68 2.66
N MET A 115 15.01 13.70 2.91
CA MET A 115 14.51 12.90 1.80
C MET A 115 13.58 13.70 0.88
N LYS A 116 12.80 14.62 1.45
CA LYS A 116 11.91 15.43 0.61
C LYS A 116 12.71 16.21 -0.42
N THR A 117 13.83 16.80 0.00
CA THR A 117 14.68 17.56 -0.93
C THR A 117 15.22 16.66 -2.04
N ARG A 118 15.73 15.48 -1.67
CA ARG A 118 16.27 14.55 -2.66
C ARG A 118 15.17 14.06 -3.60
N ILE A 119 14.01 13.76 -3.04
CA ILE A 119 12.87 13.30 -3.81
C ILE A 119 12.48 14.34 -4.86
N GLU A 120 12.43 15.61 -4.46
CA GLU A 120 11.99 16.66 -5.38
C GLU A 120 12.97 16.82 -6.55
N HIS A 121 14.28 16.85 -6.26
CA HIS A 121 15.27 16.87 -7.35
C HIS A 121 15.14 15.65 -8.25
N HIS A 122 14.94 14.47 -7.65
CA HIS A 122 14.88 13.25 -8.44
C HIS A 122 13.68 13.26 -9.37
N VAL A 123 12.52 13.73 -8.89
CA VAL A 123 11.36 13.82 -9.77
C VAL A 123 11.64 14.79 -10.92
N ASP A 124 12.26 15.94 -10.63
CA ASP A 124 12.66 16.87 -11.67
C ASP A 124 13.49 16.16 -12.74
N GLU A 125 14.47 15.35 -12.30
CA GLU A 125 15.34 14.67 -13.24
C GLU A 125 14.61 13.57 -13.98
N LEU A 126 13.72 12.85 -13.28
CA LEU A 126 12.92 11.82 -13.95
C LEU A 126 12.04 12.44 -15.03
N LEU A 127 11.44 13.59 -14.74
CA LEU A 127 10.53 14.21 -15.71
C LEU A 127 11.28 14.85 -16.87
N ASP A 128 12.51 15.34 -16.62
CA ASP A 128 13.33 15.81 -17.72
C ASP A 128 13.65 14.68 -18.70
N GLN A 129 14.01 13.49 -18.19
CA GLN A 129 14.25 12.37 -19.09
C GLN A 129 12.98 11.99 -19.84
N LEU A 130 11.88 11.94 -19.12
CA LEU A 130 10.58 11.66 -19.74
C LEU A 130 10.27 12.66 -20.86
N ALA A 131 10.31 13.95 -20.54
CA ALA A 131 9.97 14.96 -21.53
C ALA A 131 10.88 14.93 -22.75
N ALA A 132 12.12 14.46 -22.59
CA ALA A 132 13.04 14.41 -23.72
C ALA A 132 12.87 13.16 -24.58
N SER A 133 12.10 12.17 -24.14
CA SER A 133 11.99 10.94 -24.89
C SER A 133 10.87 11.05 -25.93
N ALA A 134 10.83 10.07 -26.85
CA ALA A 134 9.83 10.05 -27.91
C ALA A 134 8.67 9.14 -27.53
N PRO A 135 7.45 9.63 -27.48
CA PRO A 135 6.32 8.77 -27.16
C PRO A 135 6.05 7.75 -28.27
N PRO A 136 5.39 6.63 -27.97
CA PRO A 136 4.85 6.27 -26.65
C PRO A 136 5.91 5.74 -25.68
N VAL A 137 5.71 6.08 -24.41
CA VAL A 137 6.62 5.75 -23.32
C VAL A 137 5.81 5.04 -22.24
N ASP A 138 6.46 4.14 -21.49
CA ASP A 138 5.82 3.47 -20.36
C ASP A 138 6.05 4.30 -19.10
N LEU A 139 5.04 5.08 -18.70
CA LEU A 139 5.16 5.92 -17.52
C LEU A 139 5.40 5.10 -16.26
N HIS A 140 4.85 3.88 -16.22
CA HIS A 140 5.09 3.01 -15.07
C HIS A 140 6.58 2.72 -14.91
N ARG A 141 7.25 2.34 -16.00
CA ARG A 141 8.67 1.97 -15.91
C ARG A 141 9.55 3.17 -15.61
N VAL A 142 9.31 4.30 -16.27
CA VAL A 142 10.27 5.41 -16.23
C VAL A 142 9.94 6.45 -15.15
N LEU A 143 8.80 6.33 -14.48
CA LEU A 143 8.48 7.29 -13.43
C LEU A 143 7.97 6.59 -12.18
N SER A 144 6.79 5.95 -12.28
CA SER A 144 6.16 5.35 -11.11
C SER A 144 7.08 4.37 -10.41
N PHE A 145 7.79 3.53 -11.17
CA PHE A 145 8.72 2.55 -10.60
C PHE A 145 9.94 3.21 -10.00
N ARG A 146 10.45 4.25 -10.66
CA ARG A 146 11.80 4.71 -10.36
C ARG A 146 11.86 5.55 -9.08
N LEU A 147 10.83 6.36 -8.80
CA LEU A 147 10.95 7.20 -7.60
C LEU A 147 10.88 6.40 -6.31
N PRO A 148 9.89 5.51 -6.09
CA PRO A 148 9.85 4.79 -4.80
C PRO A 148 11.01 3.82 -4.61
N THR A 149 11.56 3.25 -5.69
CA THR A 149 12.73 2.39 -5.51
C THR A 149 13.96 3.21 -5.21
N MET A 150 14.07 4.40 -5.80
CA MET A 150 15.06 5.39 -5.36
C MET A 150 14.99 5.61 -3.86
N VAL A 151 13.79 5.84 -3.35
CA VAL A 151 13.61 6.15 -1.94
C VAL A 151 14.04 4.98 -1.05
N VAL A 152 13.69 3.76 -1.44
CA VAL A 152 14.10 2.60 -0.63
C VAL A 152 15.61 2.42 -0.67
N CYS A 153 16.26 2.68 -1.83
CA CYS A 153 17.72 2.63 -1.84
C CYS A 153 18.31 3.62 -0.86
N ASP A 154 17.70 4.80 -0.78
CA ASP A 154 18.15 5.81 0.18
C ASP A 154 17.98 5.33 1.62
N LEU A 155 16.79 4.81 1.94
CA LEU A 155 16.54 4.31 3.29
C LEU A 155 17.51 3.22 3.68
N LEU A 156 17.81 2.29 2.76
CA LEU A 156 18.69 1.19 3.08
C LEU A 156 20.16 1.52 2.92
N GLY A 157 20.49 2.67 2.34
CA GLY A 157 21.88 3.05 2.15
C GLY A 157 22.63 2.20 1.14
N VAL A 158 22.02 1.93 -0.01
CA VAL A 158 22.61 1.08 -1.05
C VAL A 158 22.63 1.87 -2.35
N PRO A 159 23.52 1.53 -3.30
CA PRO A 159 23.54 2.23 -4.58
C PRO A 159 22.22 2.07 -5.31
N LEU A 160 21.88 3.10 -6.11
CA LEU A 160 20.57 3.11 -6.74
C LEU A 160 20.42 1.97 -7.74
N ALA A 161 21.52 1.51 -8.36
CA ALA A 161 21.44 0.36 -9.25
C ALA A 161 20.93 -0.91 -8.55
N ASP A 162 21.01 -0.98 -7.22
CA ASP A 162 20.47 -2.13 -6.49
C ASP A 162 18.98 -2.33 -6.74
N ARG A 163 18.24 -1.25 -7.02
CA ARG A 163 16.81 -1.46 -7.27
C ARG A 163 16.57 -2.25 -8.55
N GLU A 164 17.54 -2.30 -9.48
CA GLU A 164 17.37 -3.21 -10.61
C GLU A 164 17.51 -4.65 -10.17
N ARG A 165 18.16 -4.90 -9.04
CA ARG A 165 18.20 -6.24 -8.46
C ARG A 165 16.91 -6.57 -7.70
N PHE A 166 16.41 -5.66 -6.88
CA PHE A 166 15.29 -5.98 -5.99
C PHE A 166 13.92 -5.49 -6.48
N GLY A 167 13.84 -4.82 -7.64
CA GLY A 167 12.63 -4.10 -8.01
C GLY A 167 11.41 -4.95 -8.30
N GLN A 168 11.58 -6.25 -8.58
CA GLN A 168 10.44 -7.14 -8.80
C GLN A 168 10.20 -8.07 -7.61
N TRP A 169 10.90 -7.89 -6.48
CA TRP A 169 10.84 -8.86 -5.40
C TRP A 169 9.59 -8.74 -4.54
N ALA A 170 9.02 -7.54 -4.40
CA ALA A 170 7.74 -7.45 -3.69
C ALA A 170 6.65 -8.16 -4.47
N ARG A 171 6.61 -7.95 -5.80
CA ARG A 171 5.66 -8.65 -6.66
C ARG A 171 5.83 -10.16 -6.57
N GLY A 172 7.07 -10.65 -6.62
CA GLY A 172 7.27 -12.09 -6.63
C GLY A 172 6.97 -12.72 -5.28
N THR A 173 7.44 -12.08 -4.20
CA THR A 173 7.12 -12.55 -2.86
C THR A 173 5.62 -12.61 -2.63
N PHE A 174 4.89 -11.61 -3.14
CA PHE A 174 3.45 -11.51 -2.89
C PHE A 174 2.61 -12.08 -4.03
N ASP A 175 3.20 -12.96 -4.84
CA ASP A 175 2.47 -13.67 -5.90
C ASP A 175 1.70 -14.84 -5.28
N GLN A 176 0.39 -14.66 -5.14
CA GLN A 176 -0.47 -15.66 -4.52
C GLN A 176 -0.73 -16.85 -5.43
N SER A 177 -0.41 -16.75 -6.72
CA SER A 177 -0.68 -17.82 -7.67
C SER A 177 0.42 -18.86 -7.75
N ASP A 178 1.60 -18.60 -7.17
CA ASP A 178 2.75 -19.49 -7.38
C ASP A 178 3.55 -19.56 -6.07
N ASN A 179 3.24 -20.56 -5.24
CA ASN A 179 3.90 -20.71 -3.95
C ASN A 179 5.41 -20.91 -4.11
N GLU A 180 5.83 -21.66 -5.13
CA GLU A 180 7.26 -21.90 -5.34
C GLU A 180 7.99 -20.62 -5.73
N HIS A 181 7.41 -19.85 -6.66
CA HIS A 181 8.00 -18.56 -7.02
C HIS A 181 8.02 -17.61 -5.83
N SER A 182 6.94 -17.59 -5.04
CA SER A 182 6.90 -16.72 -3.87
C SER A 182 8.04 -17.04 -2.91
N ALA A 183 8.22 -18.33 -2.58
CA ALA A 183 9.25 -18.73 -1.64
C ALA A 183 10.66 -18.50 -2.19
N ASN A 184 10.87 -18.78 -3.47
CA ASN A 184 12.18 -18.57 -4.06
C ASN A 184 12.55 -17.08 -4.11
N THR A 185 11.56 -16.23 -4.39
CA THR A 185 11.85 -14.79 -4.37
C THR A 185 12.12 -14.32 -2.95
N PHE A 186 11.34 -14.78 -1.96
CA PHE A 186 11.58 -14.35 -0.60
C PHE A 186 12.97 -14.76 -0.12
N GLN A 187 13.45 -15.92 -0.56
CA GLN A 187 14.81 -16.33 -0.21
C GLN A 187 15.86 -15.38 -0.79
N GLN A 188 15.61 -14.83 -1.98
CA GLN A 188 16.50 -13.82 -2.54
C GLN A 188 16.51 -12.56 -1.70
N VAL A 189 15.34 -12.12 -1.24
CA VAL A 189 15.25 -10.96 -0.36
C VAL A 189 16.06 -11.21 0.90
N VAL A 190 15.88 -12.39 1.50
CA VAL A 190 16.55 -12.74 2.75
C VAL A 190 18.07 -12.70 2.56
N ASP A 191 18.57 -13.38 1.54
CA ASP A 191 20.01 -13.40 1.27
C ASP A 191 20.55 -11.99 1.07
N TYR A 192 19.85 -11.19 0.28
CA TYR A 192 20.28 -9.82 0.03
C TYR A 192 20.35 -9.01 1.32
N MET A 193 19.33 -9.14 2.17
CA MET A 193 19.27 -8.32 3.37
C MET A 193 20.31 -8.77 4.39
N LEU A 194 20.59 -10.08 4.45
CA LEU A 194 21.61 -10.55 5.38
C LEU A 194 23.00 -10.10 4.95
N GLU A 195 23.25 -10.06 3.64
CA GLU A 195 24.47 -9.44 3.12
C GLU A 195 24.53 -7.96 3.52
N LEU A 196 23.42 -7.26 3.40
CA LEU A 196 23.41 -5.83 3.73
C LEU A 196 23.69 -5.59 5.21
N VAL A 197 23.10 -6.43 6.08
CA VAL A 197 23.33 -6.29 7.51
C VAL A 197 24.81 -6.50 7.84
N ALA A 198 25.41 -7.54 7.23
CA ALA A 198 26.83 -7.80 7.46
C ALA A 198 27.70 -6.63 7.01
N ARG A 199 27.34 -6.00 5.89
CA ARG A 199 28.13 -4.87 5.44
C ARG A 199 27.96 -3.66 6.38
N LYS A 200 26.73 -3.37 6.78
CA LYS A 200 26.47 -2.20 7.61
C LYS A 200 27.12 -2.32 8.99
N ARG A 201 27.42 -3.54 9.43
CA ARG A 201 28.10 -3.70 10.70
C ARG A 201 29.54 -3.19 10.67
N VAL A 202 30.19 -3.16 9.51
CA VAL A 202 31.54 -2.62 9.41
C VAL A 202 31.58 -1.32 8.63
N GLU A 203 30.56 -1.02 7.83
CA GLU A 203 30.51 0.18 7.00
C GLU A 203 29.15 0.85 7.15
N PRO A 204 28.83 1.36 8.35
CA PRO A 204 27.53 2.01 8.54
C PRO A 204 27.47 3.35 7.83
N GLY A 205 26.23 3.81 7.63
CA GLY A 205 26.00 5.15 7.12
C GLY A 205 24.76 5.75 7.75
N ASP A 206 24.25 6.82 7.14
CA ASP A 206 23.00 7.45 7.60
C ASP A 206 21.83 6.69 6.96
N ASP A 207 21.49 5.55 7.56
CA ASP A 207 20.50 4.68 6.94
C ASP A 207 19.91 3.77 8.02
N ILE A 208 18.85 3.04 7.63
CA ILE A 208 17.97 2.40 8.61
C ILE A 208 18.67 1.23 9.29
N LEU A 209 19.35 0.37 8.53
CA LEU A 209 19.99 -0.80 9.15
C LEU A 209 21.13 -0.39 10.08
N SER A 210 21.89 0.67 9.72
CA SER A 210 22.94 1.16 10.61
C SER A 210 22.37 1.61 11.94
N GLU A 211 21.21 2.26 11.91
CA GLU A 211 20.54 2.68 13.15
C GLU A 211 20.08 1.47 13.97
N LEU A 212 19.51 0.46 13.31
CA LEU A 212 19.08 -0.74 14.03
C LEU A 212 20.26 -1.47 14.64
N ILE A 213 21.39 -1.51 13.93
CA ILE A 213 22.59 -2.12 14.49
C ILE A 213 23.04 -1.39 15.75
N ALA A 214 22.92 -0.07 15.77
CA ALA A 214 23.33 0.69 16.94
C ALA A 214 22.31 0.60 18.09
N GLU A 215 21.09 0.15 17.82
CA GLU A 215 20.01 0.22 18.81
C GLU A 215 20.32 -0.57 20.06
N LYS A 216 20.29 0.12 21.20
CA LYS A 216 20.25 -0.36 22.58
C LYS A 216 20.98 -1.67 22.91
N ASP A 217 22.31 -1.72 22.77
CA ASP A 217 23.10 -0.80 21.98
C ASP A 217 23.89 -1.71 21.07
N GLY A 218 23.15 -2.58 20.38
CA GLY A 218 23.72 -3.68 19.64
C GLY A 218 23.04 -4.97 20.04
N ALA A 219 21.91 -4.85 20.75
CA ALA A 219 21.22 -6.02 21.31
C ALA A 219 20.41 -6.80 20.31
N LEU A 220 20.13 -6.25 19.13
CA LEU A 220 19.33 -6.98 18.15
C LEU A 220 20.23 -7.96 17.39
N SER A 221 19.68 -9.13 17.11
CA SER A 221 20.42 -10.09 16.29
C SER A 221 20.38 -9.65 14.83
N ASP A 222 21.32 -10.19 14.04
CA ASP A 222 21.32 -9.91 12.61
C ASP A 222 20.01 -10.35 11.97
N ALA A 223 19.48 -11.49 12.40
CA ALA A 223 18.20 -11.97 11.87
C ALA A 223 17.06 -11.02 12.25
N ASP A 224 17.06 -10.50 13.48
CA ASP A 224 16.04 -9.52 13.85
C ASP A 224 16.13 -8.27 12.99
N ILE A 225 17.35 -7.78 12.77
CA ILE A 225 17.53 -6.57 11.97
C ILE A 225 17.15 -6.82 10.51
N ALA A 226 17.56 -7.97 9.96
CA ALA A 226 17.21 -8.28 8.58
C ALA A 226 15.70 -8.41 8.40
N HIS A 227 15.01 -8.96 9.41
CA HIS A 227 13.56 -9.07 9.34
C HIS A 227 12.92 -7.69 9.18
N LEU A 228 13.36 -6.71 9.99
CA LEU A 228 12.87 -5.36 9.85
C LEU A 228 13.27 -4.76 8.50
N GLY A 229 14.50 -5.02 8.06
CA GLY A 229 14.90 -4.56 6.73
C GLY A 229 14.02 -5.11 5.62
N ASN A 230 13.62 -6.39 5.74
CA ASN A 230 12.76 -7.01 4.73
C ASN A 230 11.40 -6.35 4.69
N ALA A 231 10.86 -5.99 5.87
CA ALA A 231 9.59 -5.29 5.90
C ALA A 231 9.69 -3.94 5.20
N VAL A 232 10.79 -3.22 5.41
CA VAL A 232 10.98 -1.96 4.70
C VAL A 232 11.10 -2.17 3.19
N LEU A 233 11.88 -3.17 2.78
CA LEU A 233 12.05 -3.37 1.34
C LEU A 233 10.74 -3.80 0.69
N LEU A 234 10.00 -4.69 1.34
CA LEU A 234 8.85 -5.31 0.69
C LEU A 234 7.58 -4.49 0.84
N PHE A 235 7.44 -3.68 1.89
CA PHE A 235 6.32 -2.75 1.99
C PHE A 235 6.66 -1.34 1.52
N GLY A 236 7.93 -1.01 1.32
CA GLY A 236 8.35 0.36 1.15
C GLY A 236 8.41 0.91 -0.26
N TYR A 237 8.18 0.11 -1.32
CA TYR A 237 8.14 0.77 -2.63
C TYR A 237 6.95 0.35 -3.49
N GLU A 238 6.56 -0.94 -3.50
CA GLU A 238 5.59 -1.42 -4.48
C GLU A 238 4.24 -0.71 -4.37
N THR A 239 3.72 -0.60 -3.14
CA THR A 239 2.42 0.06 -2.96
CA THR A 239 2.43 0.06 -2.94
C THR A 239 2.48 1.51 -3.40
N THR A 240 3.61 2.19 -3.16
CA THR A 240 3.72 3.57 -3.63
C THR A 240 3.70 3.65 -5.14
N ILE A 241 4.40 2.73 -5.82
CA ILE A 241 4.36 2.67 -7.28
C ILE A 241 2.91 2.61 -7.75
N VAL A 242 2.14 1.68 -7.18
CA VAL A 242 0.74 1.49 -7.55
C VAL A 242 -0.04 2.80 -7.40
N ARG A 243 0.21 3.55 -6.31
CA ARG A 243 -0.56 4.78 -6.12
C ARG A 243 -0.15 5.88 -7.09
N ILE A 244 1.12 5.90 -7.53
CA ILE A 244 1.50 6.86 -8.57
C ILE A 244 0.75 6.54 -9.86
N ASP A 245 0.68 5.27 -10.23
CA ASP A 245 -0.07 4.87 -11.42
C ASP A 245 -1.55 5.23 -11.28
N LEU A 246 -2.16 4.85 -10.14
CA LEU A 246 -3.58 5.15 -9.91
C LEU A 246 -3.84 6.66 -9.90
N GLY A 247 -2.98 7.44 -9.25
CA GLY A 247 -3.15 8.88 -9.22
C GLY A 247 -3.08 9.51 -10.60
N THR A 248 -2.14 9.04 -11.43
CA THR A 248 -2.09 9.50 -12.82
C THR A 248 -3.36 9.18 -13.58
N LEU A 249 -3.83 7.93 -13.47
CA LEU A 249 -5.05 7.53 -14.16
C LEU A 249 -6.24 8.35 -13.68
N LEU A 250 -6.33 8.60 -12.37
CA LEU A 250 -7.46 9.36 -11.83
C LEU A 250 -7.42 10.81 -12.33
N LEU A 251 -6.24 11.44 -12.33
CA LEU A 251 -6.15 12.81 -12.80
C LEU A 251 -6.40 12.90 -14.30
N LEU A 252 -6.02 11.87 -15.07
CA LEU A 252 -6.36 11.85 -16.49
C LEU A 252 -7.87 11.77 -16.70
N ARG A 253 -8.60 11.10 -15.80
CA ARG A 253 -10.06 11.02 -15.86
C ARG A 253 -10.76 12.31 -15.45
N ASN A 254 -10.07 13.27 -14.85
CA ASN A 254 -10.68 14.47 -14.30
C ASN A 254 -9.94 15.71 -14.80
N PRO A 255 -10.12 16.05 -16.08
CA PRO A 255 -9.31 17.13 -16.67
C PRO A 255 -9.49 18.50 -16.03
N VAL A 256 -10.67 18.80 -15.48
CA VAL A 256 -10.85 20.10 -14.82
C VAL A 256 -9.97 20.19 -13.58
N GLN A 257 -9.98 19.15 -12.75
CA GLN A 257 -9.12 19.11 -11.55
C GLN A 257 -7.65 19.07 -11.94
N ARG A 258 -7.32 18.27 -12.95
CA ARG A 258 -5.95 18.22 -13.45
C ARG A 258 -5.47 19.61 -13.88
N ALA A 259 -6.30 20.35 -14.61
CA ALA A 259 -5.93 21.71 -15.01
C ALA A 259 -5.76 22.62 -13.80
N GLN A 260 -6.60 22.44 -12.77
CA GLN A 260 -6.45 23.21 -11.54
C GLN A 260 -5.10 22.94 -10.90
N LEU A 261 -4.70 21.66 -10.86
CA LEU A 261 -3.44 21.26 -10.26
C LEU A 261 -2.24 21.77 -11.06
N ALA A 262 -2.31 21.66 -12.38
CA ALA A 262 -1.25 22.21 -13.22
C ALA A 262 -1.06 23.70 -12.98
N GLU A 263 -2.16 24.43 -12.80
CA GLU A 263 -2.07 25.87 -12.58
C GLU A 263 -1.56 26.19 -11.17
N ASP A 264 -1.96 25.42 -10.17
CA ASP A 264 -1.59 25.71 -8.78
C ASP A 264 -1.06 24.43 -8.15
N PRO A 265 0.27 24.23 -8.17
CA PRO A 265 0.84 23.05 -7.50
C PRO A 265 0.61 23.01 -6.00
N GLY A 266 0.18 24.13 -5.39
CA GLY A 266 -0.20 24.12 -3.99
C GLY A 266 -1.41 23.24 -3.68
N LEU A 267 -2.14 22.81 -4.70
CA LEU A 267 -3.22 21.86 -4.52
C LEU A 267 -2.75 20.42 -4.45
N ALA A 268 -1.46 20.17 -4.66
CA ALA A 268 -0.97 18.79 -4.67
C ALA A 268 -1.27 18.03 -3.40
N PRO A 269 -1.07 18.58 -2.19
CA PRO A 269 -1.43 17.80 -0.99
C PRO A 269 -2.89 17.38 -1.00
N ALA A 270 -3.80 18.30 -1.34
CA ALA A 270 -5.21 17.93 -1.46
C ALA A 270 -5.41 16.87 -2.54
N ALA A 271 -4.77 17.04 -3.70
CA ALA A 271 -4.87 16.04 -4.76
C ALA A 271 -4.40 14.67 -4.27
N VAL A 272 -3.32 14.64 -3.49
CA VAL A 272 -2.75 13.38 -3.04
C VAL A 272 -3.71 12.66 -2.09
N GLU A 273 -4.37 13.42 -1.20
CA GLU A 273 -5.34 12.76 -0.33
C GLU A 273 -6.54 12.22 -1.09
N GLU A 274 -6.97 12.91 -2.16
CA GLU A 274 -8.04 12.37 -3.00
C GLU A 274 -7.59 11.14 -3.76
N ILE A 275 -6.33 11.16 -4.23
CA ILE A 275 -5.78 10.01 -4.96
C ILE A 275 -5.73 8.77 -4.05
N LEU A 276 -5.26 8.95 -2.82
CA LEU A 276 -5.22 7.84 -1.88
C LEU A 276 -6.63 7.34 -1.56
N ARG A 277 -7.56 8.27 -1.35
CA ARG A 277 -8.95 7.91 -1.05
C ARG A 277 -9.57 7.11 -2.19
N LEU A 278 -9.42 7.58 -3.43
CA LEU A 278 -10.11 6.98 -4.56
C LEU A 278 -9.30 5.92 -5.28
N GLY A 279 -8.01 5.82 -5.01
CA GLY A 279 -7.16 4.94 -5.80
C GLY A 279 -7.29 3.48 -5.41
N VAL A 280 -8.24 2.81 -6.07
CA VAL A 280 -8.49 1.38 -5.93
C VAL A 280 -8.58 0.83 -7.35
N GLY A 281 -7.89 -0.28 -7.61
CA GLY A 281 -7.78 -0.82 -8.95
C GLY A 281 -8.39 -2.20 -9.07
N GLY A 282 -8.89 -2.51 -10.26
CA GLY A 282 -9.39 -3.85 -10.56
C GLY A 282 -10.46 -4.28 -9.57
N LYS A 283 -10.37 -5.51 -9.10
CA LYS A 283 -11.28 -6.03 -8.08
C LYS A 283 -10.94 -5.54 -6.67
N GLY A 284 -9.85 -4.79 -6.50
CA GLY A 284 -9.63 -4.10 -5.23
C GLY A 284 -9.37 -5.01 -4.05
N SER A 285 -8.77 -6.19 -4.27
CA SER A 285 -8.54 -7.12 -3.19
C SER A 285 -7.49 -6.59 -2.21
N ASN A 286 -6.57 -5.74 -2.67
CA ASN A 286 -5.63 -5.15 -1.72
C ASN A 286 -6.27 -4.11 -0.82
N ALA A 287 -7.46 -3.61 -1.18
CA ALA A 287 -8.16 -2.66 -0.33
C ALA A 287 -9.09 -3.36 0.67
N LEU A 288 -8.82 -4.62 0.99
CA LEU A 288 -9.50 -5.37 2.05
C LEU A 288 -8.44 -5.75 3.07
N ILE A 289 -8.54 -5.21 4.28
CA ILE A 289 -7.57 -5.46 5.33
C ILE A 289 -8.06 -6.67 6.13
N PRO A 290 -7.31 -7.77 6.19
CA PRO A 290 -7.78 -8.97 6.87
C PRO A 290 -7.46 -8.95 8.37
N ARG A 291 -8.40 -9.50 9.15
CA ARG A 291 -8.29 -9.61 10.59
C ARG A 291 -9.00 -10.88 11.05
N TYR A 292 -8.66 -11.33 12.26
CA TYR A 292 -9.40 -12.34 13.00
C TYR A 292 -9.85 -11.75 14.32
N ALA A 293 -11.05 -12.14 14.76
CA ALA A 293 -11.54 -11.74 16.08
C ALA A 293 -10.86 -12.57 17.15
N HIS A 294 -10.21 -11.91 18.11
CA HIS A 294 -9.67 -12.60 19.27
C HIS A 294 -10.60 -12.53 20.47
N GLY A 295 -11.69 -11.79 20.35
CA GLY A 295 -12.81 -11.86 21.28
C GLY A 295 -14.07 -11.49 20.53
N ASP A 296 -15.21 -11.71 21.16
CA ASP A 296 -16.49 -11.39 20.53
C ASP A 296 -16.64 -9.88 20.37
N ILE A 297 -17.13 -9.46 19.20
CA ILE A 297 -17.33 -8.05 18.87
C ILE A 297 -18.69 -7.90 18.23
N THR A 298 -19.50 -6.97 18.74
CA THR A 298 -20.78 -6.65 18.15
C THR A 298 -20.64 -5.45 17.21
N VAL A 299 -21.19 -5.60 16.01
CA VAL A 299 -21.21 -4.55 14.99
C VAL A 299 -22.66 -4.37 14.59
N GLY A 300 -23.24 -3.23 14.95
CA GLY A 300 -24.66 -3.06 14.78
C GLY A 300 -25.39 -4.12 15.58
N GLU A 301 -26.09 -5.00 14.89
CA GLU A 301 -26.77 -6.13 15.52
C GLU A 301 -26.11 -7.46 15.18
N THR A 302 -24.95 -7.43 14.54
CA THR A 302 -24.21 -8.63 14.16
C THR A 302 -23.13 -8.92 15.20
N VAL A 303 -23.02 -10.17 15.62
CA VAL A 303 -21.99 -10.58 16.57
C VAL A 303 -20.89 -11.30 15.81
N ILE A 304 -19.72 -10.69 15.77
CA ILE A 304 -18.50 -11.36 15.33
C ILE A 304 -17.99 -12.18 16.51
N ARG A 305 -17.84 -13.49 16.30
CA ARG A 305 -17.39 -14.38 17.35
C ARG A 305 -15.88 -14.60 17.28
N THR A 306 -15.29 -14.84 18.45
CA THR A 306 -13.88 -15.19 18.53
C THR A 306 -13.52 -16.24 17.49
N GLY A 307 -12.47 -15.96 16.73
CA GLY A 307 -12.01 -16.85 15.70
C GLY A 307 -12.50 -16.51 14.30
N ASP A 308 -13.53 -15.68 14.19
CA ASP A 308 -14.06 -15.38 12.87
C ASP A 308 -13.11 -14.48 12.08
N ALA A 309 -13.08 -14.70 10.76
CA ALA A 309 -12.32 -13.82 9.89
C ALA A 309 -13.15 -12.59 9.55
N VAL A 310 -12.49 -11.43 9.43
CA VAL A 310 -13.15 -10.18 9.10
C VAL A 310 -12.35 -9.51 7.99
N MET A 311 -13.05 -9.04 6.95
CA MET A 311 -12.43 -8.21 5.92
C MET A 311 -12.90 -6.77 6.10
N LEU A 312 -11.96 -5.87 6.33
CA LEU A 312 -12.25 -4.46 6.53
C LEU A 312 -12.00 -3.77 5.19
N ALA A 313 -13.08 -3.38 4.52
CA ALA A 313 -13.00 -2.82 3.18
C ALA A 313 -12.68 -1.33 3.26
N ILE A 314 -11.38 -1.04 3.37
CA ILE A 314 -10.96 0.37 3.44
C ILE A 314 -11.24 1.09 2.14
N GLY A 315 -11.13 0.40 1.00
CA GLY A 315 -11.51 1.01 -0.28
C GLY A 315 -12.97 1.40 -0.34
N ALA A 316 -13.87 0.46 -0.06
CA ALA A 316 -15.30 0.77 -0.03
C ALA A 316 -15.60 1.86 0.99
N ALA A 317 -14.95 1.82 2.15
CA ALA A 317 -15.17 2.83 3.18
C ALA A 317 -14.74 4.21 2.70
N ASN A 318 -13.65 4.27 1.93
CA ASN A 318 -13.18 5.54 1.40
C ASN A 318 -14.12 6.12 0.35
N TYR A 319 -14.98 5.27 -0.23
CA TYR A 319 -15.99 5.70 -1.19
C TYR A 319 -17.35 5.96 -0.53
N ASP A 320 -17.43 5.86 0.79
CA ASP A 320 -18.72 5.86 1.47
C ASP A 320 -19.32 7.26 1.47
N ASP A 321 -20.52 7.39 0.86
CA ASP A 321 -21.22 8.68 0.84
C ASP A 321 -21.47 9.20 2.25
N ARG A 322 -21.60 8.32 3.24
CA ARG A 322 -21.82 8.77 4.61
C ARG A 322 -20.64 9.55 5.16
N ALA A 323 -19.43 9.28 4.63
CA ALA A 323 -18.24 9.95 5.09
C ALA A 323 -17.73 11.02 4.13
N PHE A 324 -18.00 10.86 2.85
CA PHE A 324 -17.50 11.76 1.80
C PHE A 324 -18.64 12.07 0.85
N PRO A 325 -19.24 13.26 0.94
CA PRO A 325 -20.35 13.59 0.05
C PRO A 325 -19.92 13.40 -1.39
N ASP A 326 -20.82 12.81 -2.20
CA ASP A 326 -20.48 12.36 -3.54
C ASP A 326 -19.20 11.52 -3.52
N GLY A 327 -19.28 10.39 -2.83
CA GLY A 327 -18.07 9.66 -2.48
C GLY A 327 -17.28 9.15 -3.68
N GLY A 328 -17.95 8.93 -4.81
CA GLY A 328 -17.25 8.49 -5.99
C GLY A 328 -16.61 9.56 -6.84
N LEU A 329 -16.77 10.84 -6.48
CA LEU A 329 -16.23 11.93 -7.30
C LEU A 329 -14.87 12.39 -6.79
N PHE A 330 -13.95 12.59 -7.74
CA PHE A 330 -12.64 13.16 -7.45
C PHE A 330 -12.80 14.67 -7.29
N ASP A 331 -12.51 15.18 -6.10
CA ASP A 331 -12.71 16.61 -5.85
C ASP A 331 -11.60 17.08 -4.92
N LEU A 332 -10.60 17.73 -5.48
CA LEU A 332 -9.53 18.24 -4.63
C LEU A 332 -9.87 19.56 -3.99
N THR A 333 -11.11 20.05 -4.14
CA THR A 333 -11.58 21.24 -3.44
C THR A 333 -12.42 20.90 -2.22
N ARG A 334 -12.48 19.62 -1.82
CA ARG A 334 -13.25 19.24 -0.63
C ARG A 334 -12.78 20.04 0.58
N VAL A 335 -13.72 20.62 1.30
CA VAL A 335 -13.39 21.38 2.50
C VAL A 335 -13.36 20.43 3.68
N ARG A 336 -12.21 20.35 4.35
CA ARG A 336 -12.05 19.50 5.52
C ARG A 336 -12.58 18.08 5.31
N PRO A 337 -12.07 17.36 4.31
CA PRO A 337 -12.51 15.98 4.12
C PRO A 337 -12.09 15.13 5.31
N ARG A 338 -12.93 14.15 5.65
CA ARG A 338 -12.54 13.17 6.67
C ARG A 338 -11.24 12.49 6.26
N SER A 339 -10.50 12.02 7.26
CA SER A 339 -9.27 11.28 7.02
C SER A 339 -9.59 9.94 6.36
N HIS A 340 -9.02 9.71 5.18
CA HIS A 340 -9.30 8.45 4.49
C HIS A 340 -8.57 7.31 5.19
N LEU A 341 -8.94 6.08 4.82
CA LEU A 341 -8.42 4.88 5.47
C LEU A 341 -7.42 4.13 4.60
N ALA A 342 -6.86 4.77 3.58
CA ALA A 342 -5.99 4.04 2.66
C ALA A 342 -4.65 3.63 3.29
N PHE A 343 -4.24 4.27 4.38
CA PHE A 343 -3.09 3.82 5.16
C PHE A 343 -3.50 2.98 6.36
N GLY A 344 -4.77 2.58 6.45
CA GLY A 344 -5.26 1.94 7.64
C GLY A 344 -5.49 2.94 8.78
N HIS A 345 -5.44 2.41 10.00
CA HIS A 345 -5.88 3.13 11.20
C HIS A 345 -5.63 2.22 12.39
N GLY A 346 -5.36 2.78 13.57
CA GLY A 346 -5.20 1.94 14.74
C GLY A 346 -3.81 1.31 14.82
N ALA A 347 -3.78 0.09 15.38
CA ALA A 347 -2.51 -0.50 15.81
C ALA A 347 -1.53 -0.70 14.67
N ARG A 348 -2.02 -0.92 13.44
CA ARG A 348 -1.14 -1.22 12.31
C ARG A 348 -1.10 -0.09 11.28
N HIS A 349 -1.51 1.12 11.67
CA HIS A 349 -1.42 2.30 10.81
C HIS A 349 -0.05 2.39 10.12
N CYS A 350 -0.08 2.49 8.80
CA CYS A 350 1.09 2.40 7.95
C CYS A 350 2.26 3.23 8.48
N ILE A 351 3.41 2.58 8.67
CA ILE A 351 4.56 3.26 9.26
C ILE A 351 5.15 4.28 8.29
N GLY A 352 5.08 4.01 7.00
CA GLY A 352 5.69 4.85 5.99
C GLY A 352 4.82 5.96 5.46
N ARG A 353 3.66 6.22 6.07
CA ARG A 353 2.63 7.02 5.41
C ARG A 353 3.06 8.47 5.22
N THR A 354 3.84 9.03 6.15
CA THR A 354 4.30 10.39 5.95
C THR A 354 5.32 10.46 4.80
N LEU A 355 6.20 9.47 4.71
CA LEU A 355 7.14 9.42 3.60
C LEU A 355 6.41 9.19 2.27
N ALA A 356 5.42 8.30 2.25
CA ALA A 356 4.66 8.06 1.02
C ALA A 356 3.94 9.33 0.55
N ARG A 357 3.36 10.09 1.48
CA ARG A 357 2.75 11.36 1.12
C ARG A 357 3.77 12.34 0.55
N ILE A 358 4.99 12.36 1.09
CA ILE A 358 6.02 13.23 0.53
C ILE A 358 6.33 12.84 -0.92
N GLU A 359 6.46 11.55 -1.19
CA GLU A 359 6.72 11.09 -2.56
C GLU A 359 5.60 11.49 -3.51
N LEU A 360 4.35 11.16 -3.14
CA LEU A 360 3.22 11.46 -4.01
C LEU A 360 3.06 12.96 -4.23
N THR A 361 3.26 13.76 -3.18
CA THR A 361 3.13 15.20 -3.32
C THR A 361 4.18 15.75 -4.30
N ALA A 362 5.42 15.30 -4.18
CA ALA A 362 6.46 15.77 -5.08
C ALA A 362 6.15 15.42 -6.53
N VAL A 363 5.63 14.21 -6.78
CA VAL A 363 5.28 13.81 -8.14
C VAL A 363 4.15 14.68 -8.67
N PHE A 364 3.07 14.81 -7.90
CA PHE A 364 1.89 15.44 -8.48
C PHE A 364 1.93 16.96 -8.38
N GLU A 365 2.91 17.51 -7.65
CA GLU A 365 3.24 18.92 -7.78
C GLU A 365 3.74 19.24 -9.19
N ARG A 366 4.39 18.28 -9.84
CA ARG A 366 5.22 18.52 -11.02
C ARG A 366 4.65 17.94 -12.30
N LEU A 367 4.01 16.79 -12.23
CA LEU A 367 3.74 15.96 -13.40
C LEU A 367 3.04 16.73 -14.52
N PHE A 368 1.85 17.28 -14.25
CA PHE A 368 1.08 17.92 -15.32
C PHE A 368 1.48 19.36 -15.59
N ARG A 369 2.33 19.94 -14.73
CA ARG A 369 2.95 21.20 -15.11
C ARG A 369 4.10 20.95 -16.08
N ARG A 370 4.87 19.89 -15.84
CA ARG A 370 5.98 19.59 -16.72
C ARG A 370 5.52 18.96 -18.02
N LEU A 371 4.46 18.15 -18.00
CA LEU A 371 3.95 17.46 -19.17
C LEU A 371 2.46 17.74 -19.33
N PRO A 372 2.09 18.95 -19.78
CA PRO A 372 0.66 19.31 -19.78
C PRO A 372 -0.18 18.52 -20.77
N ASP A 373 0.42 18.00 -21.85
CA ASP A 373 -0.33 17.19 -22.81
C ASP A 373 -0.26 15.69 -22.52
N LEU A 374 0.20 15.29 -21.34
CA LEU A 374 0.30 13.88 -21.00
C LEU A 374 -1.08 13.21 -21.10
N ARG A 375 -1.12 12.03 -21.71
CA ARG A 375 -2.36 11.27 -21.84
C ARG A 375 -2.02 9.82 -22.14
N LEU A 376 -3.00 8.93 -21.93
CA LEU A 376 -2.77 7.52 -22.23
C LEU A 376 -2.58 7.33 -23.74
N ALA A 377 -1.67 6.43 -24.11
CA ALA A 377 -1.46 6.07 -25.52
C ALA A 377 -2.21 4.81 -25.91
N VAL A 378 -2.91 4.18 -24.97
CA VAL A 378 -3.75 3.01 -25.20
C VAL A 378 -5.09 3.25 -24.51
N PRO A 379 -6.12 2.50 -24.89
CA PRO A 379 -7.39 2.59 -24.15
C PRO A 379 -7.22 2.15 -22.69
N GLU A 380 -8.03 2.77 -21.82
CA GLU A 380 -8.03 2.37 -20.41
C GLU A 380 -8.30 0.89 -20.24
N GLU A 381 -9.22 0.35 -21.03
CA GLU A 381 -9.63 -1.05 -20.87
C GLU A 381 -8.53 -2.02 -21.25
N SER A 382 -7.47 -1.56 -21.91
CA SER A 382 -6.32 -2.42 -22.15
C SER A 382 -5.37 -2.51 -20.96
N LEU A 383 -5.55 -1.68 -19.93
CA LEU A 383 -4.68 -1.74 -18.77
C LEU A 383 -5.12 -2.87 -17.85
N ARG A 384 -4.17 -3.70 -17.41
CA ARG A 384 -4.47 -4.97 -16.76
C ARG A 384 -4.04 -4.93 -15.30
N TRP A 385 -5.01 -4.88 -14.39
CA TRP A 385 -4.73 -4.94 -12.96
C TRP A 385 -4.37 -6.38 -12.60
N GLN A 386 -3.31 -6.55 -11.80
CA GLN A 386 -2.73 -7.88 -11.62
C GLN A 386 -3.30 -8.50 -10.35
N GLU A 387 -4.40 -9.24 -10.52
CA GLU A 387 -5.19 -9.72 -9.38
C GLU A 387 -4.43 -10.72 -8.51
N HIS A 388 -3.49 -11.47 -9.08
CA HIS A 388 -2.80 -12.52 -8.32
C HIS A 388 -1.76 -11.98 -7.34
N ARG A 389 -1.36 -10.71 -7.45
CA ARG A 389 -0.43 -10.11 -6.51
C ARG A 389 -1.18 -9.46 -5.36
N ILE A 390 -0.73 -9.70 -4.12
CA ILE A 390 -1.39 -9.09 -2.97
C ILE A 390 -1.48 -7.59 -3.13
N THR A 391 -0.42 -6.98 -3.67
CA THR A 391 -0.34 -5.54 -3.91
C THR A 391 -1.01 -5.09 -5.21
N GLY A 392 -1.52 -6.00 -6.03
CA GLY A 392 -2.22 -5.59 -7.25
C GLY A 392 -1.30 -4.88 -8.23
N GLY A 393 -1.80 -3.76 -8.78
CA GLY A 393 -1.01 -2.90 -9.64
C GLY A 393 -1.16 -3.23 -11.13
N PHE A 394 -0.79 -2.25 -11.95
CA PHE A 394 -0.69 -2.42 -13.39
C PHE A 394 0.76 -2.71 -13.79
N ASP A 395 0.94 -3.49 -14.85
CA ASP A 395 2.28 -3.83 -15.26
C ASP A 395 2.92 -2.78 -16.16
N GLU A 396 2.12 -1.90 -16.76
CA GLU A 396 2.61 -0.87 -17.67
C GLU A 396 1.52 0.19 -17.83
N ILE A 397 1.95 1.42 -18.11
CA ILE A 397 1.04 2.54 -18.37
C ILE A 397 1.58 3.30 -19.59
N PRO A 398 1.19 2.94 -20.81
CA PRO A 398 1.69 3.63 -22.01
C PRO A 398 1.11 5.03 -22.13
N VAL A 399 1.97 6.02 -22.36
CA VAL A 399 1.54 7.41 -22.44
C VAL A 399 2.16 8.08 -23.65
N THR A 400 1.51 9.15 -24.10
CA THR A 400 2.09 10.12 -25.01
C THR A 400 1.98 11.49 -24.35
N PHE A 401 2.65 12.49 -24.94
CA PHE A 401 2.72 13.82 -24.30
C PHE A 401 3.25 14.86 -25.29
#